data_5EA5
#
_entry.id   5EA5
#
_cell.length_a   169.860
_cell.length_b   169.860
_cell.length_c   169.860
_cell.angle_alpha   90.000
_cell.angle_beta   90.000
_cell.angle_gamma   90.000
#
_symmetry.space_group_name_H-M   'P 41 3 2'
#
loop_
_entity.id
_entity.type
_entity.pdbx_description
1 polymer 'Fusion glycoprotein F0'
2 non-polymer '2-[N-CYCLOHEXYLAMINO]ETHANE SULFONIC ACID'
3 non-polymer 2-[[6-[[[2-(3-hydroxypropyl)-5-methylphenyl]amino]methyl]-2-[[3-(4-morpholinyl)propyl]amino]-1H-benzimidazol-1-yl]methyl]-6-methyl-3-pyridinol
4 non-polymer 'SULFATE ION'
5 non-polymer 'D(-)-TARTARIC ACID'
#
_entity_poly.entity_id   1
_entity_poly.type   'polypeptide(L)'
_entity_poly.pdbx_seq_one_letter_code
;MELLILKANAITTILTAVTFCFASGQNITEEFYQSTCSAVSKGYLSALRTGWYTSVITIELSNIKENKCNGTDAKVKLIK
QELDKYKNAVTELQLLMQSTPATNNRARRELPRFMNYTLNNAKKTNVTLSKKRKRRFLGFLLGVGSAIASGVAVCKVLHL
EGEVNKIKSALLSTNKAVVSLSNGVSVLTFKVLDLKNYIDKQLLPILNKQSCSISNIETVIEFQQKNNRLLEITREFSVN
AGVTTPVSTYMLTNSELLSLINDMPITNDQKKLMSNNVQIVRQQSYSIMCIIKEEVLAYVVQLPLYGVIDTPCWKLHTSP
LCTTNTKEGSNICLTRTDRGWYCDNAGSVSFFPQAETCKVQSNRVFCDTMNSLTLPSEVNLCNVDIFNPKYDCKIMTSKT
DVSSSVITSLGAIVSCYGKTKCTASNKNRGIIKTFSNGCDYVSNKGVDTVSVGNTLYYVNKQEGKSLYVKGEPIINFYDP
LVFPSDEFDASISQVNEKINQSLAFIRKSDELLSAIGGYIPEAPRDGQAYVRKDGEWVLLSTFLGGLVPRGSHHHHHHSA
WSHPQFEK
;
_entity_poly.pdbx_strand_id   F
#
loop_
_chem_comp.id
_chem_comp.type
_chem_comp.name
_chem_comp.formula
NHE non-polymer '2-[N-CYCLOHEXYLAMINO]ETHANE SULFONIC ACID' 'C8 H17 N O3 S'
SO4 non-polymer 'SULFATE ION' 'O4 S -2'
TAR non-polymer 'D(-)-TARTARIC ACID' 'C4 H6 O6'
TM3 non-polymer 2-[[6-[[[2-(3-hydroxypropyl)-5-methylphenyl]amino]methyl]-2-[[3-(4-morpholinyl)propyl]amino]-1H-benzimidazol-1-yl]methyl]-6-methyl-3-pyridinol 'C32 H42 N6 O3'
#
# COMPACT_ATOMS: atom_id res chain seq x y z
N ASN A 27 -6.82 23.15 3.52
CA ASN A 27 -6.03 21.95 3.27
C ASN A 27 -6.88 20.67 3.25
N ILE A 28 -6.84 19.90 4.33
CA ILE A 28 -7.63 18.66 4.44
C ILE A 28 -9.03 18.92 4.95
N THR A 29 -10.04 18.56 4.16
CA THR A 29 -11.43 18.80 4.55
C THR A 29 -12.30 17.58 4.33
N GLU A 30 -13.51 17.61 4.87
CA GLU A 30 -14.35 16.42 4.88
C GLU A 30 -15.84 16.72 4.93
N GLU A 31 -16.61 16.06 4.08
CA GLU A 31 -18.07 16.20 4.10
C GLU A 31 -18.74 14.91 4.53
N PHE A 32 -19.81 15.03 5.30
CA PHE A 32 -20.60 13.86 5.65
C PHE A 32 -21.96 13.94 4.98
N TYR A 33 -22.42 12.83 4.41
CA TYR A 33 -23.71 12.81 3.73
C TYR A 33 -24.71 12.02 4.53
N GLN A 34 -25.56 12.74 5.25
CA GLN A 34 -26.55 12.13 6.10
C GLN A 34 -27.48 11.23 5.31
N SER A 35 -27.65 11.54 4.02
CA SER A 35 -28.59 10.81 3.18
C SER A 35 -28.05 9.44 2.80
N THR A 36 -26.76 9.33 2.53
CA THR A 36 -26.17 8.06 2.09
C THR A 36 -25.28 7.42 3.15
N CYS A 37 -25.19 8.03 4.32
CA CYS A 37 -24.35 7.54 5.42
C CYS A 37 -22.91 7.32 4.97
N SER A 38 -22.33 8.34 4.34
CA SER A 38 -20.95 8.23 3.91
C SER A 38 -20.26 9.58 4.12
N ALA A 39 -18.96 9.57 3.93
CA ALA A 39 -18.14 10.76 4.12
C ALA A 39 -16.94 10.77 3.18
N VAL A 40 -16.56 11.95 2.70
CA VAL A 40 -15.44 12.05 1.78
C VAL A 40 -14.38 12.98 2.32
N SER A 41 -13.16 12.49 2.43
CA SER A 41 -12.04 13.32 2.89
C SER A 41 -11.25 13.73 1.67
N LYS A 42 -11.20 15.02 1.41
CA LYS A 42 -10.52 15.52 0.23
C LYS A 42 -9.36 16.43 0.59
N GLY A 43 -8.53 16.73 -0.40
CA GLY A 43 -7.41 17.62 -0.20
C GLY A 43 -6.09 16.87 -0.16
N TYR A 44 -6.08 15.68 -0.73
CA TYR A 44 -4.88 14.87 -0.73
C TYR A 44 -4.15 14.93 -2.08
N LEU A 45 -2.86 14.64 -2.06
CA LEU A 45 -2.03 14.65 -3.25
C LEU A 45 -1.47 13.27 -3.59
N SER A 46 -1.80 12.79 -4.77
CA SER A 46 -1.36 11.49 -5.24
C SER A 46 0.15 11.28 -5.30
N ALA A 47 0.51 10.01 -5.13
CA ALA A 47 1.81 9.50 -5.52
C ALA A 47 1.57 8.04 -5.79
N LEU A 48 1.23 7.70 -7.03
CA LEU A 48 0.86 6.34 -7.35
C LEU A 48 2.01 5.60 -8.00
N ARG A 49 2.39 4.45 -7.46
CA ARG A 49 3.35 3.64 -8.18
C ARG A 49 2.68 3.18 -9.46
N THR A 50 3.33 3.45 -10.58
CA THR A 50 2.76 3.13 -11.87
C THR A 50 3.63 2.13 -12.60
N GLY A 51 4.94 2.30 -12.43
CA GLY A 51 5.89 1.44 -13.08
C GLY A 51 6.92 0.97 -12.09
N TRP A 52 7.96 0.33 -12.59
CA TRP A 52 9.04 -0.16 -11.76
C TRP A 52 10.38 0.20 -12.36
N TYR A 53 11.34 0.54 -11.53
CA TYR A 53 12.70 0.69 -11.97
C TYR A 53 13.55 -0.41 -11.37
N THR A 54 14.23 -1.18 -12.22
CA THR A 54 15.09 -2.26 -11.75
C THR A 54 16.56 -1.85 -11.74
N SER A 55 17.24 -2.17 -10.66
CA SER A 55 18.66 -1.89 -10.53
C SER A 55 19.38 -3.12 -10.02
N VAL A 56 20.56 -3.39 -10.58
CA VAL A 56 21.34 -4.52 -10.14
C VAL A 56 22.36 -4.10 -9.10
N ILE A 57 22.15 -4.51 -7.85
CA ILE A 57 23.13 -4.26 -6.80
C ILE A 57 24.09 -5.44 -6.75
N THR A 58 25.39 -5.15 -6.59
CA THR A 58 26.39 -6.20 -6.54
C THR A 58 27.23 -6.14 -5.28
N ILE A 59 27.91 -7.24 -5.00
CA ILE A 59 28.90 -7.35 -3.95
C ILE A 59 29.98 -8.27 -4.48
N GLU A 60 31.21 -7.77 -4.56
CA GLU A 60 32.29 -8.59 -5.10
C GLU A 60 32.86 -9.48 -4.00
N LEU A 61 33.13 -10.74 -4.33
CA LEU A 61 33.51 -11.73 -3.34
C LEU A 61 34.95 -12.22 -3.49
N SER A 62 35.43 -12.93 -2.48
CA SER A 62 36.76 -13.54 -2.55
C SER A 62 36.65 -15.06 -2.52
N ASN A 63 37.48 -15.70 -3.34
CA ASN A 63 37.50 -17.16 -3.42
C ASN A 63 38.78 -17.74 -2.81
N ILE A 64 38.68 -18.25 -1.58
CA ILE A 64 39.86 -18.81 -0.90
C ILE A 64 39.56 -20.15 -0.22
N ASP A 73 46.86 -19.30 17.54
CA ASP A 73 46.70 -18.53 18.78
C ASP A 73 45.31 -17.94 18.91
N ALA A 74 45.15 -16.95 19.79
CA ALA A 74 43.85 -16.38 20.11
C ALA A 74 43.37 -15.39 19.05
N LYS A 75 44.26 -14.55 18.54
CA LYS A 75 43.91 -13.57 17.52
C LYS A 75 43.49 -14.24 16.21
N VAL A 76 44.18 -15.32 15.87
CA VAL A 76 43.96 -16.01 14.60
C VAL A 76 42.67 -16.82 14.59
N LYS A 77 42.44 -17.57 15.66
CA LYS A 77 41.31 -18.48 15.74
C LYS A 77 39.95 -17.78 15.63
N LEU A 78 39.88 -16.55 16.14
CA LEU A 78 38.64 -15.77 16.10
C LEU A 78 38.34 -15.29 14.68
N ILE A 79 39.37 -15.00 13.90
CA ILE A 79 39.19 -14.61 12.51
C ILE A 79 38.91 -15.84 11.65
N LYS A 80 39.42 -17.00 12.05
CA LYS A 80 39.11 -18.25 11.37
C LYS A 80 37.62 -18.57 11.53
N GLN A 81 37.05 -18.14 12.65
CA GLN A 81 35.61 -18.30 12.89
C GLN A 81 34.82 -17.28 12.08
N GLU A 82 35.34 -16.07 11.99
CA GLU A 82 34.69 -15.01 11.23
C GLU A 82 34.82 -15.27 9.72
N LEU A 83 35.83 -16.06 9.34
CA LEU A 83 36.04 -16.40 7.94
C LEU A 83 35.11 -17.52 7.48
N ASP A 84 34.82 -18.45 8.38
CA ASP A 84 33.92 -19.54 8.07
C ASP A 84 32.48 -19.02 8.04
N LYS A 85 32.21 -18.00 8.86
CA LYS A 85 30.95 -17.27 8.80
C LYS A 85 30.73 -16.75 7.40
N TYR A 86 31.80 -16.23 6.81
CA TYR A 86 31.81 -15.76 5.44
C TYR A 86 31.49 -16.91 4.49
N LYS A 87 32.25 -18.00 4.59
CA LYS A 87 32.08 -19.16 3.73
C LYS A 87 30.69 -19.77 3.89
N ASN A 88 30.20 -19.84 5.12
CA ASN A 88 28.87 -20.37 5.37
C ASN A 88 27.79 -19.53 4.70
N ALA A 89 27.93 -18.21 4.80
CA ALA A 89 27.00 -17.28 4.18
C ALA A 89 26.98 -17.49 2.68
N VAL A 90 28.15 -17.54 2.09
CA VAL A 90 28.26 -17.77 0.66
C VAL A 90 27.63 -19.11 0.28
N THR A 91 28.00 -20.16 1.02
CA THR A 91 27.49 -21.50 0.76
C THR A 91 25.97 -21.52 0.85
N GLU A 92 25.45 -20.77 1.80
CA GLU A 92 24.02 -20.70 2.03
C GLU A 92 23.31 -19.93 0.91
N LEU A 93 23.97 -18.88 0.43
CA LEU A 93 23.44 -18.08 -0.68
C LEU A 93 23.40 -18.86 -1.97
N GLN A 94 24.12 -19.97 -2.00
CA GLN A 94 24.27 -20.74 -3.23
C GLN A 94 23.17 -21.79 -3.38
N LEU A 95 22.80 -22.46 -2.30
CA LEU A 95 21.70 -23.42 -2.38
C LEU A 95 20.39 -22.67 -2.49
N LEU A 96 20.43 -21.41 -2.09
CA LEU A 96 19.26 -20.54 -2.18
C LEU A 96 18.91 -20.24 -3.63
N MET A 97 19.93 -20.25 -4.49
CA MET A 97 19.72 -19.94 -5.90
C MET A 97 19.83 -21.14 -6.83
N GLN A 98 19.22 -22.25 -6.44
CA GLN A 98 19.15 -23.41 -7.33
C GLN A 98 17.82 -23.41 -8.09
N SER A 99 17.10 -22.29 -8.00
CA SER A 99 15.85 -22.10 -8.72
C SER A 99 15.57 -20.61 -8.91
N THR A 100 14.86 -20.29 -10.00
CA THR A 100 14.44 -18.92 -10.24
C THR A 100 13.46 -18.49 -9.15
N PRO A 101 13.68 -17.29 -8.59
CA PRO A 101 12.91 -16.70 -7.48
C PRO A 101 11.40 -16.78 -7.69
N ALA A 102 10.63 -16.75 -6.61
CA ALA A 102 9.21 -17.06 -6.65
C ALA A 102 8.28 -15.87 -6.43
N THR A 103 7.06 -16.01 -6.94
CA THR A 103 5.97 -15.07 -6.69
C THR A 103 4.64 -15.74 -7.00
N ASN A 104 4.71 -16.90 -7.66
CA ASN A 104 3.52 -17.60 -8.15
C ASN A 104 2.81 -18.37 -7.03
N PHE A 137 -14.35 -3.86 0.36
CA PHE A 137 -15.60 -4.39 -0.16
C PHE A 137 -15.45 -4.85 -1.61
N LEU A 138 -15.25 -3.92 -2.52
CA LEU A 138 -15.20 -4.23 -3.94
C LEU A 138 -13.81 -4.67 -4.37
N GLY A 139 -12.98 -5.03 -3.39
CA GLY A 139 -11.65 -5.54 -3.69
C GLY A 139 -11.64 -6.76 -4.60
N PHE A 140 -12.68 -7.59 -4.51
CA PHE A 140 -12.74 -8.83 -5.29
C PHE A 140 -12.83 -8.58 -6.80
N LEU A 141 -13.13 -7.33 -7.17
CA LEU A 141 -13.24 -6.94 -8.57
C LEU A 141 -11.89 -6.66 -9.23
N LEU A 142 -10.83 -6.56 -8.43
CA LEU A 142 -9.49 -6.26 -8.95
C LEU A 142 -8.92 -7.39 -9.82
N GLY A 143 -7.96 -7.04 -10.67
CA GLY A 143 -7.27 -8.02 -11.49
C GLY A 143 -6.18 -8.70 -10.68
N VAL A 144 -5.22 -9.32 -11.36
CA VAL A 144 -4.13 -10.02 -10.68
C VAL A 144 -2.78 -9.78 -11.34
N GLY A 145 -1.80 -9.36 -10.57
CA GLY A 145 -0.51 -9.02 -11.13
C GLY A 145 0.56 -10.04 -10.80
N SER A 146 1.76 -9.77 -11.29
CA SER A 146 2.91 -10.57 -10.92
C SER A 146 3.95 -9.61 -10.35
N ALA A 147 3.75 -9.27 -9.08
CA ALA A 147 4.41 -8.14 -8.44
C ALA A 147 5.87 -7.96 -8.83
N ILE A 148 6.59 -9.06 -9.01
CA ILE A 148 8.02 -8.96 -9.29
C ILE A 148 8.43 -9.52 -10.66
N ALA A 149 7.50 -9.52 -11.61
CA ALA A 149 7.75 -10.08 -12.94
C ALA A 149 8.85 -9.33 -13.66
N SER A 150 8.77 -8.00 -13.60
CA SER A 150 9.80 -7.12 -14.14
C SER A 150 11.17 -7.42 -13.55
N GLY A 151 11.23 -7.47 -12.22
CA GLY A 151 12.44 -7.82 -11.52
C GLY A 151 13.02 -9.14 -11.96
N VAL A 152 12.22 -10.22 -11.87
CA VAL A 152 12.69 -11.55 -12.25
C VAL A 152 13.10 -11.59 -13.71
N ALA A 153 12.38 -10.85 -14.55
CA ALA A 153 12.72 -10.73 -15.96
C ALA A 153 14.17 -10.27 -16.15
N VAL A 154 14.60 -9.36 -15.27
CA VAL A 154 15.96 -8.86 -15.30
C VAL A 154 16.91 -9.89 -14.73
N CYS A 155 16.43 -10.63 -13.74
CA CYS A 155 17.25 -11.61 -13.06
C CYS A 155 17.67 -12.74 -14.01
N LYS A 156 16.71 -13.25 -14.78
CA LYS A 156 16.97 -14.37 -15.67
C LYS A 156 18.02 -14.02 -16.72
N VAL A 157 18.21 -12.72 -16.94
CA VAL A 157 19.19 -12.25 -17.92
C VAL A 157 20.60 -12.29 -17.34
N LEU A 158 20.74 -12.08 -16.04
CA LEU A 158 22.06 -12.08 -15.42
C LEU A 158 22.65 -13.49 -15.36
N HIS A 159 21.81 -14.49 -15.59
CA HIS A 159 22.27 -15.88 -15.57
C HIS A 159 22.96 -16.28 -16.87
N LEU A 160 22.65 -15.53 -17.93
CA LEU A 160 23.30 -15.74 -19.22
C LEU A 160 24.81 -15.60 -19.08
N GLU A 161 25.56 -16.38 -19.85
CA GLU A 161 27.00 -16.36 -19.73
C GLU A 161 27.56 -15.05 -20.28
N GLY A 162 28.62 -14.56 -19.64
CA GLY A 162 29.25 -13.32 -20.04
C GLY A 162 28.54 -12.12 -19.47
N GLU A 163 27.23 -12.25 -19.29
CA GLU A 163 26.39 -11.17 -18.79
C GLU A 163 26.81 -10.72 -17.40
N VAL A 164 27.29 -11.66 -16.60
CA VAL A 164 27.84 -11.32 -15.31
C VAL A 164 29.16 -10.57 -15.51
N ASN A 165 30.00 -11.09 -16.40
CA ASN A 165 31.34 -10.57 -16.57
C ASN A 165 31.36 -9.15 -17.13
N LYS A 166 30.25 -8.74 -17.74
CA LYS A 166 30.12 -7.37 -18.22
C LYS A 166 30.03 -6.41 -17.05
N ILE A 167 29.26 -6.81 -16.05
CA ILE A 167 29.05 -6.00 -14.85
C ILE A 167 30.29 -5.98 -13.96
N LYS A 168 30.90 -7.15 -13.76
CA LYS A 168 32.14 -7.27 -13.02
C LYS A 168 33.18 -6.34 -13.64
N SER A 169 33.12 -6.22 -14.96
CA SER A 169 34.01 -5.37 -15.73
C SER A 169 33.67 -3.88 -15.57
N ALA A 170 32.40 -3.55 -15.72
CA ALA A 170 31.95 -2.16 -15.69
C ALA A 170 32.23 -1.49 -14.35
N LEU A 171 32.09 -2.24 -13.27
CA LEU A 171 32.28 -1.68 -11.93
C LEU A 171 33.68 -1.98 -11.42
N LEU A 172 34.67 -1.76 -12.27
CA LEU A 172 36.06 -2.05 -11.93
C LEU A 172 36.76 -0.84 -11.33
N SER A 173 36.55 0.32 -11.95
CA SER A 173 37.16 1.56 -11.49
C SER A 173 36.18 2.42 -10.69
N THR A 174 34.90 2.04 -10.73
CA THR A 174 33.88 2.78 -10.01
C THR A 174 32.91 1.83 -9.32
N ASN A 175 32.02 2.40 -8.50
CA ASN A 175 31.03 1.61 -7.80
C ASN A 175 29.65 1.77 -8.40
N LYS A 176 29.47 2.82 -9.20
CA LYS A 176 28.16 3.14 -9.75
C LYS A 176 28.19 3.42 -11.25
N ALA A 177 27.79 2.41 -12.03
CA ALA A 177 27.77 2.55 -13.48
C ALA A 177 26.47 2.01 -14.07
N VAL A 178 26.11 2.54 -15.24
CA VAL A 178 24.98 2.04 -16.01
C VAL A 178 25.46 1.00 -17.02
N VAL A 179 24.85 -0.18 -17.00
CA VAL A 179 25.24 -1.23 -17.94
C VAL A 179 24.10 -1.62 -18.87
N SER A 180 24.32 -1.50 -20.17
CA SER A 180 23.38 -2.01 -21.16
C SER A 180 23.49 -3.53 -21.18
N LEU A 181 22.36 -4.22 -21.06
CA LEU A 181 22.37 -5.68 -21.06
C LEU A 181 21.91 -6.24 -22.41
N SER A 182 22.22 -7.52 -22.63
CA SER A 182 22.11 -8.14 -23.95
C SER A 182 20.70 -8.11 -24.55
N ASN A 183 19.67 -7.95 -23.73
CA ASN A 183 18.31 -7.90 -24.26
C ASN A 183 17.77 -6.47 -24.36
N GLY A 184 18.68 -5.50 -24.27
CA GLY A 184 18.33 -4.11 -24.52
C GLY A 184 17.82 -3.34 -23.32
N VAL A 185 17.86 -3.95 -22.14
CA VAL A 185 17.48 -3.22 -20.94
C VAL A 185 18.70 -2.48 -20.40
N SER A 186 18.58 -1.17 -20.30
CA SER A 186 19.64 -0.36 -19.72
C SER A 186 19.40 -0.23 -18.22
N VAL A 187 20.33 -0.76 -17.42
CA VAL A 187 20.16 -0.80 -15.97
C VAL A 187 21.28 -0.13 -15.18
N LEU A 188 20.90 0.58 -14.12
CA LEU A 188 21.86 1.24 -13.23
C LEU A 188 22.42 0.24 -12.23
N THR A 189 23.67 -0.14 -12.43
CA THR A 189 24.36 -1.09 -11.56
C THR A 189 25.13 -0.36 -10.45
N PHE A 190 25.36 -1.06 -9.35
CA PHE A 190 25.88 -0.43 -8.15
C PHE A 190 26.67 -1.45 -7.36
N LYS A 191 27.93 -1.15 -7.04
CA LYS A 191 28.71 -2.01 -6.16
C LYS A 191 28.79 -1.37 -4.79
N VAL A 192 28.09 -1.96 -3.83
CA VAL A 192 27.92 -1.35 -2.52
C VAL A 192 28.86 -1.94 -1.47
N LEU A 193 29.55 -3.01 -1.82
CA LEU A 193 30.53 -3.60 -0.91
C LEU A 193 31.56 -4.43 -1.66
N ASP A 194 32.81 -3.99 -1.59
CA ASP A 194 33.92 -4.68 -2.24
C ASP A 194 34.69 -5.51 -1.22
N LEU A 195 34.23 -6.73 -0.98
CA LEU A 195 34.88 -7.63 -0.04
C LEU A 195 36.08 -8.32 -0.66
N LYS A 196 35.99 -8.58 -1.96
CA LYS A 196 37.11 -9.12 -2.72
C LYS A 196 38.35 -8.30 -2.44
N ASN A 197 38.23 -6.99 -2.63
CA ASN A 197 39.32 -6.06 -2.36
C ASN A 197 39.79 -6.16 -0.92
N TYR A 198 38.87 -6.26 0.02
CA TYR A 198 39.26 -6.28 1.43
C TYR A 198 39.92 -7.60 1.81
N ILE A 199 39.33 -8.71 1.38
CA ILE A 199 39.84 -10.02 1.80
C ILE A 199 41.16 -10.39 1.13
N ASP A 200 41.21 -10.27 -0.19
CA ASP A 200 42.40 -10.67 -0.93
C ASP A 200 43.62 -9.82 -0.55
N LYS A 201 43.38 -8.57 -0.15
CA LYS A 201 44.48 -7.72 0.29
C LYS A 201 44.63 -7.73 1.81
N GLN A 202 43.78 -6.95 2.48
CA GLN A 202 43.89 -6.76 3.93
C GLN A 202 43.88 -8.04 4.75
N LEU A 203 43.24 -9.09 4.26
CA LEU A 203 43.04 -10.27 5.09
C LEU A 203 44.00 -11.43 4.73
N LEU A 204 44.35 -11.53 3.46
CA LEU A 204 45.18 -12.64 2.98
C LEU A 204 46.67 -12.37 3.23
N THR A 219 41.55 -5.37 14.25
CA THR A 219 41.57 -6.06 12.97
C THR A 219 40.54 -7.19 12.92
N VAL A 220 40.52 -8.00 13.97
CA VAL A 220 39.46 -8.99 14.13
C VAL A 220 38.14 -8.26 14.19
N ILE A 221 38.18 -7.04 14.73
CA ILE A 221 37.00 -6.20 14.82
C ILE A 221 36.66 -5.56 13.48
N GLU A 222 37.69 -5.13 12.76
CA GLU A 222 37.50 -4.55 11.42
C GLU A 222 36.77 -5.51 10.48
N PHE A 223 37.23 -6.75 10.48
CA PHE A 223 36.70 -7.78 9.58
C PHE A 223 35.25 -8.10 9.92
N GLN A 224 34.94 -8.19 11.21
CA GLN A 224 33.59 -8.49 11.66
C GLN A 224 32.58 -7.43 11.22
N GLN A 225 33.02 -6.17 11.22
CA GLN A 225 32.14 -5.07 10.83
C GLN A 225 31.86 -5.09 9.32
N LYS A 226 32.90 -5.33 8.53
CA LYS A 226 32.75 -5.40 7.08
C LYS A 226 31.92 -6.61 6.66
N ASN A 227 32.14 -7.73 7.34
CA ASN A 227 31.49 -8.99 7.02
C ASN A 227 30.02 -9.00 7.43
N ASN A 228 29.71 -8.29 8.50
CA ASN A 228 28.38 -8.35 9.11
C ASN A 228 27.25 -8.03 8.15
N ARG A 229 27.46 -7.04 7.29
CA ARG A 229 26.43 -6.69 6.32
C ARG A 229 26.09 -7.89 5.45
N LEU A 230 27.13 -8.57 4.97
CA LEU A 230 26.96 -9.72 4.09
C LEU A 230 26.09 -10.76 4.73
N LEU A 231 26.37 -11.07 6.00
CA LEU A 231 25.64 -12.10 6.72
C LEU A 231 24.17 -11.75 6.88
N GLU A 232 23.89 -10.45 6.98
CA GLU A 232 22.54 -10.00 7.29
C GLU A 232 21.66 -10.01 6.06
N ILE A 233 22.24 -9.62 4.93
CA ILE A 233 21.57 -9.79 3.65
C ILE A 233 21.26 -11.27 3.45
N THR A 234 22.23 -12.12 3.79
CA THR A 234 22.04 -13.56 3.72
C THR A 234 20.88 -14.04 4.62
N ARG A 235 20.73 -13.45 5.80
CA ARG A 235 19.63 -13.83 6.67
C ARG A 235 18.30 -13.44 6.05
N GLU A 236 18.23 -12.23 5.51
CA GLU A 236 16.99 -11.74 4.94
C GLU A 236 16.52 -12.61 3.78
N PHE A 237 17.43 -12.91 2.86
CA PHE A 237 17.08 -13.71 1.70
C PHE A 237 16.74 -15.16 2.07
N SER A 238 17.40 -15.70 3.09
CA SER A 238 17.22 -17.10 3.45
C SER A 238 15.86 -17.37 4.10
N VAL A 239 15.39 -16.41 4.88
CA VAL A 239 14.09 -16.55 5.54
C VAL A 239 12.94 -16.02 4.68
N ASN A 240 13.26 -15.48 3.51
CA ASN A 240 12.25 -14.89 2.62
C ASN A 240 12.23 -15.53 1.24
N ALA A 241 12.77 -16.74 1.14
CA ALA A 241 12.89 -17.46 -0.12
C ALA A 241 13.56 -16.63 -1.21
N GLY A 242 14.27 -15.59 -0.80
CA GLY A 242 15.08 -14.81 -1.71
C GLY A 242 14.39 -13.61 -2.31
N VAL A 243 13.29 -13.17 -1.70
CA VAL A 243 12.63 -11.93 -2.10
C VAL A 243 12.16 -11.16 -0.87
N THR A 244 12.74 -9.99 -0.66
CA THR A 244 12.43 -9.22 0.53
C THR A 244 11.74 -7.90 0.22
N THR A 245 10.88 -7.48 1.15
CA THR A 245 10.20 -6.20 1.13
C THR A 245 9.58 -6.00 2.51
N PRO A 246 9.69 -4.78 3.07
CA PRO A 246 10.40 -3.63 2.51
C PRO A 246 11.89 -3.86 2.35
N VAL A 247 12.51 -3.09 1.47
CA VAL A 247 13.94 -3.20 1.27
C VAL A 247 14.68 -2.52 2.42
N SER A 248 15.60 -3.27 3.01
CA SER A 248 16.30 -2.85 4.23
C SER A 248 17.54 -1.99 3.95
N THR A 249 18.12 -1.44 5.01
CA THR A 249 19.33 -0.64 4.89
C THR A 249 20.53 -1.55 4.69
N TYR A 250 20.36 -2.85 4.92
CA TYR A 250 21.38 -3.82 4.58
C TYR A 250 21.41 -4.02 3.08
N MET A 251 20.24 -4.13 2.49
CA MET A 251 20.11 -4.31 1.04
C MET A 251 20.61 -3.08 0.31
N LEU A 252 20.35 -1.93 0.90
CA LEU A 252 20.64 -0.63 0.29
C LEU A 252 20.68 0.41 1.39
N THR A 253 21.88 0.82 1.82
CA THR A 253 21.97 1.78 2.91
C THR A 253 21.35 3.09 2.49
N ASN A 254 20.88 3.85 3.48
CA ASN A 254 20.20 5.12 3.25
C ASN A 254 20.95 6.00 2.24
N SER A 255 22.25 6.15 2.47
CA SER A 255 23.09 6.97 1.60
C SER A 255 23.21 6.39 0.19
N GLU A 256 23.17 5.05 0.11
CA GLU A 256 23.24 4.35 -1.17
C GLU A 256 21.95 4.49 -1.94
N LEU A 257 20.85 4.52 -1.19
CA LEU A 257 19.53 4.61 -1.79
C LEU A 257 19.26 6.01 -2.32
N LEU A 258 19.62 7.01 -1.52
CA LEU A 258 19.42 8.40 -1.90
C LEU A 258 20.21 8.69 -3.16
N SER A 259 21.45 8.22 -3.19
CA SER A 259 22.32 8.46 -4.34
C SER A 259 21.87 7.64 -5.56
N LEU A 260 21.20 6.52 -5.30
CA LEU A 260 20.65 5.71 -6.38
C LEU A 260 19.47 6.43 -7.01
N ILE A 261 18.74 7.16 -6.18
CA ILE A 261 17.60 7.95 -6.64
C ILE A 261 18.08 9.12 -7.48
N ASN A 262 19.23 9.68 -7.13
CA ASN A 262 19.74 10.85 -7.81
C ASN A 262 20.19 10.53 -9.23
N ASP A 263 20.84 9.40 -9.42
CA ASP A 263 21.38 9.02 -10.73
C ASP A 263 20.34 8.32 -11.59
N MET A 264 19.09 8.38 -11.15
CA MET A 264 18.00 7.67 -11.81
C MET A 264 17.39 8.52 -12.93
N PRO A 265 17.08 7.89 -14.07
CA PRO A 265 16.46 8.57 -15.21
C PRO A 265 15.00 8.98 -14.96
N ILE A 266 14.78 9.90 -14.03
CA ILE A 266 13.45 10.38 -13.73
C ILE A 266 13.45 11.90 -13.56
N THR A 267 12.27 12.47 -13.30
CA THR A 267 12.14 13.92 -13.18
C THR A 267 12.70 14.47 -11.87
N ASN A 268 12.83 15.79 -11.79
CA ASN A 268 13.25 16.45 -10.55
C ASN A 268 12.18 16.34 -9.48
N ASP A 269 10.93 16.19 -9.92
CA ASP A 269 9.81 16.05 -9.00
C ASP A 269 9.78 14.66 -8.34
N GLN A 270 10.08 13.62 -9.13
CA GLN A 270 10.15 12.27 -8.59
C GLN A 270 11.34 12.12 -7.66
N LYS A 271 12.47 12.70 -8.04
CA LYS A 271 13.68 12.62 -7.23
C LYS A 271 13.45 13.23 -5.85
N LYS A 272 12.85 14.40 -5.79
CA LYS A 272 12.59 15.05 -4.51
C LYS A 272 11.56 14.25 -3.70
N LEU A 273 10.44 13.91 -4.33
CA LEU A 273 9.38 13.13 -3.70
C LEU A 273 9.89 11.83 -3.09
N MET A 274 10.66 11.09 -3.88
CA MET A 274 11.24 9.84 -3.42
C MET A 274 12.17 10.06 -2.23
N SER A 275 13.05 11.04 -2.37
CA SER A 275 14.05 11.32 -1.35
C SER A 275 13.43 11.78 -0.03
N ASN A 276 12.34 12.52 -0.11
CA ASN A 276 11.66 12.98 1.10
C ASN A 276 10.88 11.89 1.78
N ASN A 277 10.77 10.75 1.11
CA ASN A 277 9.99 9.62 1.64
C ASN A 277 10.67 8.28 1.44
N VAL A 278 11.94 8.18 1.82
CA VAL A 278 12.70 6.95 1.59
C VAL A 278 12.15 5.76 2.38
N GLN A 279 11.54 6.01 3.54
CA GLN A 279 11.01 4.91 4.33
C GLN A 279 9.80 4.30 3.62
N ILE A 280 9.08 5.13 2.87
CA ILE A 280 7.93 4.65 2.09
C ILE A 280 8.41 3.90 0.86
N VAL A 281 9.33 4.53 0.13
CA VAL A 281 9.95 3.92 -1.03
C VAL A 281 10.46 2.51 -0.72
N ARG A 282 11.09 2.36 0.43
CA ARG A 282 11.53 1.06 0.90
C ARG A 282 10.38 0.08 1.01
N GLN A 283 9.28 0.55 1.59
CA GLN A 283 8.10 -0.30 1.78
C GLN A 283 7.50 -0.73 0.45
N GLN A 284 7.73 0.07 -0.58
CA GLN A 284 7.18 -0.21 -1.91
C GLN A 284 8.19 -0.84 -2.84
N SER A 285 9.30 -1.32 -2.29
CA SER A 285 10.36 -1.87 -3.14
C SER A 285 10.54 -3.35 -2.90
N TYR A 286 11.28 -4.00 -3.79
CA TYR A 286 11.59 -5.41 -3.66
C TYR A 286 13.09 -5.64 -3.75
N SER A 287 13.61 -6.51 -2.89
CA SER A 287 14.98 -6.96 -3.05
C SER A 287 14.93 -8.43 -3.45
N ILE A 288 15.33 -8.70 -4.68
CA ILE A 288 15.30 -10.06 -5.21
C ILE A 288 16.70 -10.66 -5.41
N MET A 289 17.08 -11.60 -4.55
CA MET A 289 18.34 -12.32 -4.69
C MET A 289 18.42 -12.96 -6.07
N CYS A 290 19.57 -12.81 -6.73
CA CYS A 290 19.66 -13.17 -8.15
C CYS A 290 20.68 -14.25 -8.48
N ILE A 291 21.95 -14.02 -8.16
CA ILE A 291 23.00 -14.92 -8.63
C ILE A 291 24.31 -14.80 -7.85
N ILE A 292 25.02 -15.91 -7.72
CA ILE A 292 26.42 -15.90 -7.29
C ILE A 292 27.30 -16.65 -8.29
N LYS A 293 28.02 -15.90 -9.12
CA LYS A 293 28.88 -16.49 -10.13
C LYS A 293 30.08 -15.58 -10.39
N GLU A 294 31.23 -16.17 -10.64
CA GLU A 294 32.45 -15.43 -10.97
C GLU A 294 32.79 -14.39 -9.90
N GLU A 295 32.89 -14.84 -8.64
CA GLU A 295 33.27 -13.98 -7.51
C GLU A 295 32.32 -12.81 -7.29
N VAL A 296 31.13 -12.88 -7.86
CA VAL A 296 30.17 -11.79 -7.74
C VAL A 296 28.85 -12.28 -7.14
N LEU A 297 28.31 -11.49 -6.22
CA LEU A 297 26.95 -11.67 -5.76
C LEU A 297 26.09 -10.57 -6.35
N ALA A 298 24.93 -10.92 -6.88
CA ALA A 298 24.05 -9.91 -7.45
C ALA A 298 22.64 -10.09 -6.94
N TYR A 299 21.99 -8.98 -6.60
CA TYR A 299 20.57 -9.02 -6.37
C TYR A 299 19.91 -7.78 -6.95
N VAL A 300 18.77 -7.99 -7.59
CA VAL A 300 18.01 -6.93 -8.21
C VAL A 300 17.12 -6.21 -7.21
N VAL A 301 17.22 -4.90 -7.19
CA VAL A 301 16.32 -4.08 -6.41
C VAL A 301 15.26 -3.49 -7.32
N GLN A 302 13.99 -3.73 -6.99
CA GLN A 302 12.86 -3.26 -7.78
C GLN A 302 12.26 -2.03 -7.11
N LEU A 303 12.41 -0.88 -7.76
CA LEU A 303 12.01 0.40 -7.19
C LEU A 303 10.82 1.03 -7.90
N PRO A 304 9.92 1.67 -7.14
CA PRO A 304 8.68 2.21 -7.70
C PRO A 304 8.88 3.44 -8.59
N LEU A 305 8.14 3.50 -9.70
CA LEU A 305 8.01 4.72 -10.50
C LEU A 305 6.69 5.38 -10.19
N TYR A 306 6.72 6.64 -9.78
CA TYR A 306 5.49 7.35 -9.46
C TYR A 306 5.04 8.25 -10.61
N GLY A 307 4.41 7.66 -11.61
CA GLY A 307 4.02 8.40 -12.80
C GLY A 307 2.93 9.42 -12.55
N VAL A 308 2.18 9.22 -11.47
CA VAL A 308 1.12 10.16 -11.12
C VAL A 308 1.42 10.81 -9.78
N ILE A 309 1.72 12.10 -9.83
CA ILE A 309 2.05 12.85 -8.64
C ILE A 309 1.19 14.10 -8.59
N ASP A 310 0.75 14.45 -7.39
CA ASP A 310 0.11 15.75 -7.13
C ASP A 310 -1.21 15.93 -7.85
N THR A 311 -1.87 14.83 -8.18
CA THR A 311 -3.25 14.91 -8.61
C THR A 311 -4.12 14.74 -7.37
N PRO A 312 -5.35 15.28 -7.38
CA PRO A 312 -6.27 15.20 -6.24
C PRO A 312 -6.62 13.78 -5.83
N CYS A 313 -6.62 13.53 -4.52
CA CYS A 313 -7.11 12.26 -4.01
C CYS A 313 -8.13 12.52 -2.94
N TRP A 314 -9.06 11.59 -2.82
CA TRP A 314 -10.01 11.68 -1.74
C TRP A 314 -10.38 10.30 -1.28
N LYS A 315 -10.66 10.18 0.01
CA LYS A 315 -11.00 8.89 0.59
C LYS A 315 -12.49 8.79 0.91
N LEU A 316 -13.15 7.76 0.40
CA LEU A 316 -14.57 7.59 0.70
C LEU A 316 -14.83 6.58 1.81
N HIS A 317 -15.47 7.05 2.87
CA HIS A 317 -15.85 6.22 4.01
C HIS A 317 -17.34 5.98 3.97
N THR A 318 -17.76 4.73 4.06
CA THR A 318 -19.18 4.41 4.12
C THR A 318 -19.51 3.55 5.34
N SER A 319 -20.74 3.64 5.82
CA SER A 319 -21.24 2.86 6.95
C SER A 319 -22.68 2.43 6.64
N PRO A 320 -23.19 1.40 7.33
CA PRO A 320 -24.52 0.92 6.94
C PRO A 320 -25.67 1.85 7.33
N LEU A 321 -26.58 2.07 6.38
CA LEU A 321 -27.72 2.93 6.60
C LEU A 321 -28.96 2.07 6.71
N CYS A 322 -29.51 1.97 7.92
CA CYS A 322 -30.65 1.10 8.16
C CYS A 322 -31.83 1.91 8.65
N THR A 323 -33.02 1.33 8.55
CA THR A 323 -34.18 1.95 9.17
C THR A 323 -34.09 1.64 10.65
N THR A 324 -34.94 2.29 11.43
CA THR A 324 -34.82 2.25 12.88
C THR A 324 -36.13 1.86 13.57
N ASN A 325 -36.89 0.97 12.95
CA ASN A 325 -38.16 0.52 13.51
C ASN A 325 -37.97 -0.19 14.84
N THR A 326 -39.04 -0.21 15.63
CA THR A 326 -39.01 -0.77 16.99
C THR A 326 -38.76 -2.28 16.99
N LYS A 327 -39.63 -3.03 16.31
CA LYS A 327 -39.47 -4.48 16.24
C LYS A 327 -38.19 -4.85 15.50
N GLU A 328 -37.24 -5.42 16.23
CA GLU A 328 -35.94 -5.78 15.67
C GLU A 328 -36.09 -6.90 14.65
N GLY A 329 -35.53 -6.68 13.46
CA GLY A 329 -35.63 -7.64 12.37
C GLY A 329 -36.62 -7.22 11.30
N SER A 330 -37.38 -6.16 11.56
CA SER A 330 -38.30 -5.62 10.57
C SER A 330 -37.64 -4.47 9.82
N ASN A 331 -36.36 -4.27 10.10
CA ASN A 331 -35.59 -3.19 9.50
C ASN A 331 -34.83 -3.59 8.25
N ILE A 332 -34.74 -2.66 7.30
CA ILE A 332 -33.95 -2.88 6.10
C ILE A 332 -32.73 -1.96 6.06
N CYS A 333 -31.62 -2.47 5.53
CA CYS A 333 -30.38 -1.70 5.53
C CYS A 333 -29.83 -1.53 4.14
N LEU A 334 -28.74 -0.78 4.07
CA LEU A 334 -28.19 -0.34 2.81
C LEU A 334 -26.81 0.27 3.05
N THR A 335 -25.79 -0.23 2.35
CA THR A 335 -24.45 0.31 2.48
C THR A 335 -23.80 0.58 1.15
N ARG A 336 -23.26 1.79 0.96
CA ARG A 336 -22.46 2.09 -0.23
C ARG A 336 -21.15 1.29 -0.22
N THR A 337 -20.96 0.43 -1.21
CA THR A 337 -19.81 -0.46 -1.26
C THR A 337 -18.60 0.16 -1.94
N ASP A 338 -18.81 1.33 -2.56
CA ASP A 338 -17.76 1.96 -3.36
C ASP A 338 -16.76 2.73 -2.50
N ARG A 339 -16.54 2.28 -1.27
CA ARG A 339 -15.58 2.94 -0.38
C ARG A 339 -14.15 2.54 -0.70
N GLY A 340 -13.21 3.43 -0.34
CA GLY A 340 -11.82 3.25 -0.71
C GLY A 340 -11.13 4.58 -0.96
N TRP A 341 -9.91 4.52 -1.51
CA TRP A 341 -9.22 5.74 -1.93
C TRP A 341 -9.51 6.02 -3.39
N TYR A 342 -9.68 7.29 -3.71
CA TYR A 342 -9.99 7.70 -5.08
C TYR A 342 -8.99 8.74 -5.51
N CYS A 343 -8.36 8.54 -6.66
CA CYS A 343 -7.45 9.57 -7.15
C CYS A 343 -7.67 9.87 -8.61
N ASP A 344 -7.59 11.16 -8.94
CA ASP A 344 -7.63 11.62 -10.32
C ASP A 344 -6.41 11.09 -11.04
N ASN A 345 -6.61 10.54 -12.23
CA ASN A 345 -5.52 9.93 -12.96
C ASN A 345 -5.82 9.82 -14.45
N ALA A 346 -5.17 10.67 -15.24
CA ALA A 346 -5.15 10.54 -16.70
C ALA A 346 -6.54 10.49 -17.36
N GLY A 347 -7.44 11.35 -16.90
CA GLY A 347 -8.78 11.40 -17.47
C GLY A 347 -9.77 10.63 -16.64
N SER A 348 -9.30 9.55 -16.03
CA SER A 348 -10.19 8.69 -15.27
C SER A 348 -9.95 8.86 -13.79
N VAL A 349 -10.52 7.98 -12.98
CA VAL A 349 -10.24 8.01 -11.56
C VAL A 349 -9.76 6.64 -11.12
N SER A 350 -8.55 6.61 -10.57
CA SER A 350 -8.07 5.38 -9.96
C SER A 350 -8.78 5.12 -8.64
N PHE A 351 -9.41 3.96 -8.53
CA PHE A 351 -10.12 3.55 -7.32
C PHE A 351 -9.38 2.44 -6.59
N PHE A 352 -9.18 2.63 -5.30
CA PHE A 352 -8.48 1.66 -4.45
C PHE A 352 -9.41 1.09 -3.40
N PRO A 353 -10.02 -0.08 -3.70
CA PRO A 353 -11.05 -0.71 -2.87
C PRO A 353 -10.53 -1.15 -1.51
N GLN A 354 -9.24 -1.43 -1.43
CA GLN A 354 -8.62 -1.82 -0.18
C GLN A 354 -7.69 -0.71 0.30
N ALA A 355 -8.23 0.18 1.13
CA ALA A 355 -7.52 1.40 1.54
C ALA A 355 -6.35 1.13 2.50
N GLU A 356 -5.73 -0.04 2.35
CA GLU A 356 -4.52 -0.39 3.08
C GLU A 356 -3.42 -0.70 2.06
N THR A 357 -3.77 -0.55 0.78
CA THR A 357 -2.80 -0.52 -0.29
C THR A 357 -2.28 0.91 -0.47
N CYS A 358 -2.89 1.83 0.28
CA CYS A 358 -2.51 3.24 0.27
C CYS A 358 -1.94 3.67 1.62
N LYS A 359 -0.83 4.41 1.60
CA LYS A 359 -0.17 4.87 2.82
C LYS A 359 -0.17 6.38 2.84
N VAL A 360 -0.83 6.97 3.84
CA VAL A 360 -0.89 8.43 3.91
C VAL A 360 0.23 9.02 4.74
N GLN A 361 0.99 9.93 4.15
CA GLN A 361 1.99 10.74 4.85
C GLN A 361 1.59 12.21 4.79
N SER A 362 1.10 12.74 5.90
CA SER A 362 0.57 14.11 5.99
C SER A 362 -0.63 14.34 5.06
N ASN A 363 -0.39 14.83 3.85
CA ASN A 363 -1.47 15.02 2.88
C ASN A 363 -1.17 14.33 1.55
N ARG A 364 -0.10 13.54 1.54
CA ARG A 364 0.31 12.78 0.37
C ARG A 364 -0.14 11.33 0.51
N VAL A 365 -0.81 10.80 -0.50
CA VAL A 365 -1.23 9.41 -0.50
C VAL A 365 -0.36 8.61 -1.43
N PHE A 366 0.34 7.62 -0.91
CA PHE A 366 1.07 6.71 -1.77
C PHE A 366 0.23 5.48 -2.09
N CYS A 367 -0.02 5.24 -3.36
CA CYS A 367 -0.86 4.13 -3.76
C CYS A 367 -0.19 3.23 -4.78
N ASP A 368 -0.76 2.05 -4.98
CA ASP A 368 -0.23 1.13 -5.98
C ASP A 368 -1.32 0.85 -7.00
N THR A 369 -1.02 1.11 -8.28
CA THR A 369 -2.05 0.96 -9.31
C THR A 369 -2.34 -0.51 -9.56
N MET A 370 -1.45 -1.38 -9.09
CA MET A 370 -1.68 -2.81 -9.19
C MET A 370 -2.93 -3.23 -8.46
N ASN A 371 -3.33 -2.45 -7.46
CA ASN A 371 -4.46 -2.77 -6.60
C ASN A 371 -5.63 -1.82 -6.80
N SER A 372 -5.88 -1.45 -8.04
CA SER A 372 -6.86 -0.41 -8.35
C SER A 372 -7.78 -0.75 -9.49
N LEU A 373 -8.87 0.01 -9.59
CA LEU A 373 -9.74 -0.05 -10.75
C LEU A 373 -9.79 1.32 -11.41
N THR A 374 -9.90 1.31 -12.73
CA THR A 374 -9.93 2.54 -13.50
C THR A 374 -11.36 2.91 -13.87
N LEU A 375 -11.89 3.90 -13.16
CA LEU A 375 -13.30 4.28 -13.26
C LEU A 375 -13.46 5.67 -13.85
N PRO A 376 -14.63 5.95 -14.44
CA PRO A 376 -14.91 7.27 -14.99
C PRO A 376 -14.90 8.34 -13.91
N SER A 377 -14.56 9.57 -14.26
CA SER A 377 -14.54 10.64 -13.27
C SER A 377 -15.94 10.88 -12.72
N GLU A 378 -16.94 10.36 -13.43
CA GLU A 378 -18.34 10.45 -13.01
C GLU A 378 -18.67 9.60 -11.78
N VAL A 379 -17.68 8.88 -11.26
CA VAL A 379 -17.90 8.06 -10.08
C VAL A 379 -18.09 8.96 -8.86
N ASN A 380 -17.57 10.18 -8.95
CA ASN A 380 -17.63 11.11 -7.83
C ASN A 380 -19.02 11.68 -7.63
N LEU A 381 -19.92 11.38 -8.55
CA LEU A 381 -21.26 11.95 -8.49
C LEU A 381 -22.13 11.21 -7.49
N CYS A 382 -21.67 10.04 -7.07
CA CYS A 382 -22.42 9.20 -6.12
C CYS A 382 -22.44 9.83 -4.74
N ASN A 383 -21.44 10.66 -4.47
CA ASN A 383 -21.29 11.30 -3.19
C ASN A 383 -22.40 12.28 -2.96
N VAL A 384 -22.49 13.23 -3.87
CA VAL A 384 -23.47 14.30 -3.81
C VAL A 384 -24.88 13.83 -4.18
N ASP A 385 -25.03 13.21 -5.35
CA ASP A 385 -26.31 12.62 -5.71
C ASP A 385 -26.16 11.15 -6.06
N ILE A 386 -26.47 10.28 -5.09
CA ILE A 386 -26.34 8.84 -5.31
C ILE A 386 -27.36 8.33 -6.35
N PHE A 387 -28.30 9.19 -6.73
CA PHE A 387 -29.35 8.83 -7.66
C PHE A 387 -29.12 9.40 -9.07
N ASN A 388 -27.95 10.00 -9.25
CA ASN A 388 -27.60 10.63 -10.52
C ASN A 388 -27.66 9.65 -11.69
N PRO A 389 -27.96 10.17 -12.90
CA PRO A 389 -28.13 9.34 -14.08
C PRO A 389 -26.84 9.08 -14.85
N LYS A 390 -25.72 9.63 -14.38
CA LYS A 390 -24.46 9.51 -15.11
C LYS A 390 -23.63 8.29 -14.68
N TYR A 391 -23.72 7.90 -13.40
CA TYR A 391 -23.00 6.71 -12.93
C TYR A 391 -23.88 5.89 -11.99
N ASP A 392 -23.88 4.58 -12.18
CA ASP A 392 -24.72 3.70 -11.38
C ASP A 392 -24.05 3.32 -10.08
N CYS A 393 -24.29 4.17 -9.08
CA CYS A 393 -23.66 4.06 -7.77
C CYS A 393 -23.84 2.70 -7.13
N LYS A 394 -22.77 2.13 -6.61
CA LYS A 394 -22.78 0.76 -6.12
C LYS A 394 -23.14 0.69 -4.65
N ILE A 395 -24.13 -0.16 -4.32
CA ILE A 395 -24.52 -0.40 -2.93
C ILE A 395 -24.72 -1.89 -2.64
N MET A 396 -25.02 -2.20 -1.38
CA MET A 396 -25.38 -3.54 -0.96
C MET A 396 -26.51 -3.46 0.06
N THR A 397 -27.35 -4.49 0.11
CA THR A 397 -28.48 -4.44 1.01
C THR A 397 -28.47 -5.59 2.01
N SER A 398 -29.05 -5.35 3.18
CA SER A 398 -29.26 -6.44 4.12
C SER A 398 -30.36 -6.07 5.10
N LYS A 399 -30.66 -6.98 6.02
CA LYS A 399 -31.58 -6.72 7.11
C LYS A 399 -30.83 -6.80 8.42
N THR A 400 -29.51 -6.75 8.33
CA THR A 400 -28.65 -6.91 9.49
C THR A 400 -28.30 -5.55 10.08
N ASP A 401 -29.18 -5.02 10.93
CA ASP A 401 -28.96 -3.71 11.50
C ASP A 401 -28.17 -3.80 12.80
N VAL A 402 -26.88 -4.12 12.65
CA VAL A 402 -25.92 -4.08 13.74
C VAL A 402 -25.23 -2.73 13.83
N SER A 403 -24.89 -2.32 15.04
CA SER A 403 -24.25 -1.02 15.25
C SER A 403 -22.75 -1.09 15.09
N SER A 404 -22.19 -0.05 14.47
CA SER A 404 -20.75 0.09 14.35
C SER A 404 -20.36 1.54 14.11
N SER A 405 -19.08 1.77 13.98
CA SER A 405 -18.60 3.10 13.66
C SER A 405 -17.46 3.03 12.67
N VAL A 406 -17.33 4.08 11.86
CA VAL A 406 -16.20 4.23 10.98
C VAL A 406 -15.49 5.51 11.34
N ILE A 407 -14.20 5.41 11.66
CA ILE A 407 -13.41 6.57 12.03
C ILE A 407 -12.79 7.22 10.79
N THR A 408 -13.41 8.31 10.34
CA THR A 408 -12.99 9.02 9.13
C THR A 408 -11.68 9.78 9.33
N SER A 409 -11.28 10.56 8.32
CA SER A 409 -10.05 11.32 8.41
C SER A 409 -10.17 12.45 9.42
N LEU A 410 -11.31 13.12 9.40
CA LEU A 410 -11.55 14.23 10.30
C LEU A 410 -12.76 14.06 11.23
N GLY A 411 -13.13 12.82 11.53
CA GLY A 411 -14.26 12.62 12.41
C GLY A 411 -14.68 11.17 12.55
N ALA A 412 -15.98 10.96 12.72
CA ALA A 412 -16.50 9.62 12.94
C ALA A 412 -17.93 9.47 12.43
N ILE A 413 -18.16 8.40 11.68
CA ILE A 413 -19.52 8.02 11.30
C ILE A 413 -20.03 7.03 12.32
N VAL A 414 -21.28 7.19 12.73
CA VAL A 414 -21.85 6.26 13.69
C VAL A 414 -23.14 5.67 13.16
N SER A 415 -23.18 4.34 13.07
CA SER A 415 -24.39 3.63 12.75
C SER A 415 -24.97 3.01 14.01
N CYS A 416 -25.89 3.71 14.66
CA CYS A 416 -26.48 3.23 15.91
C CYS A 416 -27.82 2.61 15.62
N TYR A 417 -27.99 1.34 15.97
CA TYR A 417 -29.27 0.69 15.71
C TYR A 417 -29.67 -0.22 16.86
N GLY A 418 -30.97 -0.43 17.02
CA GLY A 418 -31.47 -1.26 18.07
C GLY A 418 -31.15 -0.68 19.43
N LYS A 419 -30.74 -1.53 20.36
CA LYS A 419 -30.55 -1.08 21.74
C LYS A 419 -29.13 -0.66 22.08
N THR A 420 -28.31 -0.36 21.07
CA THR A 420 -26.90 -0.04 21.31
C THR A 420 -26.71 1.35 21.91
N LYS A 421 -25.77 1.47 22.85
CA LYS A 421 -25.37 2.76 23.39
C LYS A 421 -24.23 3.34 22.58
N CYS A 422 -24.47 4.42 21.84
CA CYS A 422 -23.40 5.06 21.09
C CYS A 422 -23.24 6.50 21.55
N THR A 423 -22.01 6.88 21.87
CA THR A 423 -21.71 8.23 22.34
C THR A 423 -20.44 8.79 21.71
N ALA A 424 -20.20 10.07 21.93
CA ALA A 424 -18.95 10.72 21.56
C ALA A 424 -18.45 11.44 22.79
N SER A 425 -17.13 11.44 23.01
CA SER A 425 -16.61 12.05 24.23
C SER A 425 -15.43 12.97 24.01
N ASN A 426 -15.30 13.95 24.91
CA ASN A 426 -14.09 14.74 25.01
C ASN A 426 -13.18 14.11 26.05
N LYS A 427 -11.94 14.56 26.12
CA LYS A 427 -10.93 13.96 26.98
C LYS A 427 -11.25 14.12 28.46
N ASN A 428 -11.39 15.36 28.89
CA ASN A 428 -11.56 15.67 30.31
C ASN A 428 -13.01 15.92 30.69
N ARG A 429 -13.80 16.35 29.71
CA ARG A 429 -15.19 16.72 29.95
C ARG A 429 -16.11 15.51 30.05
N GLY A 430 -15.78 14.47 29.29
CA GLY A 430 -16.60 13.27 29.26
C GLY A 430 -17.50 13.24 28.04
N ILE A 431 -18.62 12.53 28.16
CA ILE A 431 -19.59 12.38 27.08
C ILE A 431 -20.19 13.72 26.66
N ILE A 432 -20.13 14.03 25.36
CA ILE A 432 -20.69 15.30 24.91
C ILE A 432 -21.82 15.13 23.90
N LYS A 433 -22.05 13.91 23.44
CA LYS A 433 -23.19 13.63 22.57
C LYS A 433 -23.63 12.18 22.67
N THR A 434 -24.93 11.95 22.81
CA THR A 434 -25.48 10.61 22.73
C THR A 434 -26.21 10.46 21.39
N PHE A 435 -25.77 9.51 20.58
CA PHE A 435 -26.32 9.31 19.25
C PHE A 435 -27.67 8.58 19.27
N SER A 436 -28.63 9.07 18.51
CA SER A 436 -29.89 8.37 18.36
C SER A 436 -29.75 7.34 17.26
N ASN A 437 -30.72 6.45 17.19
CA ASN A 437 -30.71 5.37 16.20
C ASN A 437 -30.66 5.88 14.77
N GLY A 438 -29.90 5.18 13.94
CA GLY A 438 -29.65 5.62 12.59
C GLY A 438 -28.23 6.10 12.44
N CYS A 439 -27.87 6.44 11.20
CA CYS A 439 -26.53 6.89 10.87
C CYS A 439 -26.33 8.39 11.11
N ASP A 440 -25.40 8.70 12.01
CA ASP A 440 -25.04 10.07 12.31
C ASP A 440 -23.52 10.21 12.18
N TYR A 441 -23.00 11.39 12.50
CA TYR A 441 -21.60 11.71 12.31
C TYR A 441 -21.21 12.84 13.23
N VAL A 442 -19.96 12.84 13.68
CA VAL A 442 -19.46 13.92 14.52
C VAL A 442 -18.01 14.22 14.11
N SER A 443 -17.56 15.46 14.24
CA SER A 443 -16.21 15.80 13.79
C SER A 443 -15.23 15.71 14.96
N ASN A 444 -13.94 15.52 14.65
CA ASN A 444 -12.94 15.37 15.69
C ASN A 444 -12.67 16.65 16.45
N LYS A 445 -13.20 17.76 15.94
CA LYS A 445 -13.05 19.04 16.60
C LYS A 445 -13.79 19.02 17.93
N GLY A 446 -13.05 18.89 19.03
CA GLY A 446 -13.65 18.82 20.35
C GLY A 446 -13.92 17.42 20.85
N VAL A 447 -13.86 16.45 19.95
CA VAL A 447 -14.09 15.04 20.28
C VAL A 447 -12.77 14.27 20.29
N ASP A 448 -12.57 13.40 21.28
CA ASP A 448 -11.34 12.62 21.33
C ASP A 448 -11.62 11.16 21.04
N THR A 449 -12.77 10.68 21.51
CA THR A 449 -13.14 9.29 21.32
C THR A 449 -14.61 9.14 20.97
N VAL A 450 -14.92 7.98 20.44
CA VAL A 450 -16.28 7.63 20.08
C VAL A 450 -16.53 6.21 20.60
N SER A 451 -17.73 5.94 21.12
CA SER A 451 -18.05 4.61 21.61
C SER A 451 -19.31 4.07 20.97
N VAL A 452 -19.23 2.86 20.42
CA VAL A 452 -20.40 2.19 19.87
C VAL A 452 -20.47 0.80 20.47
N GLY A 453 -21.40 0.59 21.40
CA GLY A 453 -21.46 -0.65 22.13
C GLY A 453 -20.25 -0.74 23.05
N ASN A 454 -19.68 -1.93 23.16
CA ASN A 454 -18.51 -2.14 24.00
C ASN A 454 -17.20 -1.73 23.33
N THR A 455 -17.30 -1.05 22.20
CA THR A 455 -16.13 -0.70 21.41
C THR A 455 -15.74 0.78 21.51
N LEU A 456 -14.56 1.04 22.07
CA LEU A 456 -14.01 2.39 22.12
C LEU A 456 -13.09 2.68 20.94
N TYR A 457 -13.50 3.65 20.12
CA TYR A 457 -12.70 4.15 19.02
C TYR A 457 -12.09 5.50 19.40
N TYR A 458 -10.78 5.68 19.23
CA TYR A 458 -10.19 7.02 19.27
C TYR A 458 -10.30 7.64 17.89
N VAL A 459 -10.72 8.91 17.82
CA VAL A 459 -10.77 9.61 16.54
C VAL A 459 -9.40 10.17 16.20
N ASN A 460 -9.16 10.36 14.90
CA ASN A 460 -7.93 11.00 14.44
C ASN A 460 -7.98 12.48 14.73
N LYS A 461 -6.95 13.00 15.37
CA LYS A 461 -7.00 14.39 15.82
C LYS A 461 -6.31 15.31 14.83
N GLN A 462 -6.22 14.85 13.59
CA GLN A 462 -5.64 15.66 12.53
C GLN A 462 -6.46 16.92 12.30
N GLU A 463 -5.77 18.00 11.98
CA GLU A 463 -6.36 19.32 11.81
C GLU A 463 -7.09 19.45 10.47
N GLY A 464 -8.29 20.02 10.49
CA GLY A 464 -9.06 20.18 9.27
C GLY A 464 -10.52 20.47 9.51
N LYS A 465 -11.19 20.94 8.47
CA LYS A 465 -12.58 21.39 8.58
C LYS A 465 -13.59 20.35 8.08
N SER A 466 -14.60 20.07 8.90
CA SER A 466 -15.66 19.15 8.51
C SER A 466 -16.93 19.87 8.11
N LEU A 467 -17.67 19.28 7.17
CA LEU A 467 -18.95 19.82 6.75
C LEU A 467 -20.04 18.74 6.80
N TYR A 468 -21.05 18.95 7.63
CA TYR A 468 -22.15 17.99 7.75
C TYR A 468 -23.24 18.33 6.73
N VAL A 469 -23.41 17.48 5.73
CA VAL A 469 -24.41 17.73 4.69
C VAL A 469 -25.74 17.02 4.95
N LYS A 470 -26.63 17.72 5.66
CA LYS A 470 -27.96 17.24 6.01
C LYS A 470 -28.75 16.79 4.78
N GLY A 471 -29.45 15.68 4.93
CA GLY A 471 -30.23 15.10 3.85
C GLY A 471 -31.10 14.00 4.39
N GLU A 472 -32.11 13.60 3.63
CA GLU A 472 -33.00 12.54 4.06
C GLU A 472 -32.39 11.18 3.78
N PRO A 473 -32.26 10.34 4.82
CA PRO A 473 -31.71 9.00 4.69
C PRO A 473 -32.43 8.19 3.62
N ILE A 474 -31.74 7.88 2.54
CA ILE A 474 -32.39 7.31 1.37
C ILE A 474 -33.05 5.95 1.64
N ILE A 475 -32.66 5.30 2.74
CA ILE A 475 -33.24 4.00 3.09
C ILE A 475 -34.73 4.15 3.35
N ASN A 476 -35.16 5.38 3.63
CA ASN A 476 -36.56 5.69 3.87
C ASN A 476 -37.40 5.69 2.58
N PHE A 477 -36.73 5.75 1.43
CA PHE A 477 -37.41 5.82 0.15
C PHE A 477 -37.80 4.44 -0.38
N TYR A 478 -37.45 3.40 0.36
CA TYR A 478 -37.74 2.05 -0.08
C TYR A 478 -38.84 1.45 0.76
N ASP A 479 -39.77 0.76 0.10
CA ASP A 479 -40.81 -0.01 0.76
C ASP A 479 -40.25 -1.37 1.15
N PRO A 480 -40.29 -1.70 2.44
CA PRO A 480 -39.69 -2.93 2.99
C PRO A 480 -40.29 -4.24 2.46
N LEU A 481 -41.51 -4.21 1.96
CA LEU A 481 -42.16 -5.43 1.48
C LEU A 481 -41.59 -5.91 0.16
N VAL A 482 -40.98 -5.00 -0.59
CA VAL A 482 -40.40 -5.34 -1.89
C VAL A 482 -38.94 -4.92 -1.98
N PHE A 483 -38.25 -4.90 -0.84
CA PHE A 483 -36.84 -4.53 -0.78
C PHE A 483 -35.97 -5.79 -0.75
N PRO A 484 -35.11 -5.95 -1.77
CA PRO A 484 -34.18 -7.10 -1.87
C PRO A 484 -33.15 -7.10 -0.75
N SER A 485 -33.25 -8.04 0.17
CA SER A 485 -32.53 -7.94 1.43
C SER A 485 -31.20 -8.70 1.51
N ASP A 486 -30.64 -9.05 0.37
CA ASP A 486 -29.31 -9.66 0.39
C ASP A 486 -28.60 -9.46 -0.94
N GLU A 487 -28.34 -8.22 -1.28
CA GLU A 487 -27.57 -7.92 -2.49
C GLU A 487 -26.18 -7.45 -2.08
N PHE A 488 -25.14 -7.97 -2.74
CA PHE A 488 -23.79 -7.50 -2.44
C PHE A 488 -23.19 -6.72 -3.60
N ASP A 489 -23.04 -7.39 -4.73
CA ASP A 489 -22.48 -6.74 -5.90
C ASP A 489 -23.64 -6.11 -6.68
N ALA A 490 -24.22 -5.08 -6.09
CA ALA A 490 -25.41 -4.46 -6.66
C ALA A 490 -25.20 -2.97 -6.83
N SER A 491 -26.28 -2.28 -7.20
CA SER A 491 -26.24 -0.85 -7.48
C SER A 491 -27.64 -0.27 -7.35
N ILE A 492 -27.74 1.06 -7.43
CA ILE A 492 -29.03 1.73 -7.29
C ILE A 492 -30.02 1.25 -8.33
N SER A 493 -29.56 1.13 -9.58
CA SER A 493 -30.43 0.73 -10.68
C SER A 493 -30.81 -0.75 -10.62
N GLN A 494 -29.90 -1.59 -10.13
CA GLN A 494 -30.18 -3.01 -10.00
C GLN A 494 -31.24 -3.25 -8.92
N VAL A 495 -31.22 -2.43 -7.87
CA VAL A 495 -32.23 -2.55 -6.84
C VAL A 495 -33.59 -2.10 -7.35
N ASN A 496 -33.61 -1.02 -8.10
CA ASN A 496 -34.86 -0.53 -8.66
C ASN A 496 -35.43 -1.49 -9.69
N GLU A 497 -34.54 -2.19 -10.40
CA GLU A 497 -34.97 -3.18 -11.38
C GLU A 497 -35.61 -4.38 -10.70
N LYS A 498 -35.10 -4.75 -9.53
CA LYS A 498 -35.65 -5.88 -8.77
C LYS A 498 -36.94 -5.48 -8.07
N ILE A 499 -37.03 -4.22 -7.68
CA ILE A 499 -38.27 -3.71 -7.10
C ILE A 499 -39.34 -3.60 -8.18
N ASN A 500 -39.00 -2.96 -9.30
CA ASN A 500 -39.92 -2.84 -10.42
C ASN A 500 -40.46 -4.19 -10.88
N GLN A 501 -39.64 -5.22 -10.76
CA GLN A 501 -40.05 -6.57 -11.13
C GLN A 501 -41.01 -7.16 -10.09
N SER A 502 -40.66 -7.05 -8.81
CA SER A 502 -41.51 -7.60 -7.76
C SER A 502 -42.80 -6.78 -7.58
N LEU A 503 -42.74 -5.49 -7.92
CA LEU A 503 -43.93 -4.63 -7.86
C LEU A 503 -44.95 -5.05 -8.91
N ALA A 504 -44.46 -5.37 -10.10
CA ALA A 504 -45.31 -5.78 -11.21
C ALA A 504 -46.09 -7.04 -10.85
N PHE A 505 -45.39 -8.01 -10.27
CA PHE A 505 -45.99 -9.29 -9.93
C PHE A 505 -47.10 -9.13 -8.89
N ILE A 506 -47.03 -8.07 -8.10
CA ILE A 506 -48.12 -7.74 -7.17
C ILE A 506 -49.15 -6.85 -7.86
C3' NHE B . -35.60 4.82 -4.36
C2' NHE B . -36.95 4.16 -4.56
C1' NHE B . -37.51 4.38 -5.95
C6' NHE B . -37.42 5.83 -6.38
N NHE B . -38.90 4.01 -6.03
C1 NHE B . -39.45 3.53 -4.80
C2 NHE B . -39.81 2.02 -5.01
S NHE B . -40.52 1.38 -3.47
O1 NHE B . -41.63 0.40 -3.78
O2 NHE B . -39.46 0.76 -2.60
O3 NHE B . -41.00 2.49 -2.60
C5' NHE B . -36.05 6.42 -6.20
C4' NHE B . -35.60 6.27 -4.75
C1 TM3 C . -30.36 -12.60 -5.11
C2 TM3 C . -29.90 -12.34 -3.69
N3 TM3 C . -28.86 -13.17 -3.31
C4 TM3 C . -29.17 -14.51 -3.52
C5 TM3 C . -29.64 -14.78 -4.95
O6 TM3 C . -30.67 -13.93 -5.32
C13 TM3 C . -27.82 -12.86 -3.94
C14 TM3 C . -26.62 -12.82 -2.97
C15 TM3 C . -25.84 -14.20 -3.04
N16 TM3 C . -25.51 -14.63 -1.67
C17 TM3 C . -24.12 -14.94 -1.36
N23 TM3 C . -23.58 -16.21 -1.15
C24 TM3 C . -22.23 -16.05 -0.89
C25 TM3 C . -21.97 -14.70 -0.94
N26 TM3 C . -23.11 -13.99 -1.22
C32 TM3 C . -20.51 -14.20 -0.66
C33 TM3 C . -19.36 -15.08 -0.38
C34 TM3 C . -19.61 -16.55 -0.32
C35 TM3 C . -21.04 -17.06 -0.58
C41 TM3 C . -23.23 -12.55 -1.36
C42 TM3 C . -22.89 -11.74 -0.08
C45 TM3 C . -23.97 -10.96 0.63
C46 TM3 C . -23.65 -10.19 1.87
C47 TM3 C . -22.27 -10.16 2.40
C48 TM3 C . -21.17 -10.95 1.69
N49 TM3 C . -21.51 -11.72 0.47
O56 TM3 C . -25.29 -10.97 0.13
C58 TM3 C . -19.71 -10.94 2.24
C60 TM3 C . -18.02 -14.37 -0.16
N61 TM3 C . -18.22 -12.93 -0.30
C62 TM3 C . -18.26 -12.25 -1.59
C66 TM3 C . -19.59 -11.96 -2.30
C67 TM3 C . -19.67 -11.26 -3.67
C68 TM3 C . -18.35 -10.81 -4.33
C69 TM3 C . -17.02 -11.07 -3.62
C70 TM3 C . -16.95 -11.79 -2.27
C77 TM3 C . -21.06 -11.00 -4.36
C79 TM3 C . -15.61 -12.03 -1.60
C80 TM3 C . -14.68 -12.77 -2.57
C81 TM3 C . -13.81 -13.73 -1.78
O82 TM3 C . -12.49 -13.27 -1.77
S SO4 D . 6.35 15.67 0.11
O1 SO4 D . 6.06 14.27 0.40
O2 SO4 D . 7.23 16.21 1.14
O3 SO4 D . 7.02 15.76 -1.18
O4 SO4 D . 5.11 16.44 0.07
O1 TAR E . -9.01 -5.55 2.78
O11 TAR E . -10.60 -4.05 2.86
C1 TAR E . -10.21 -5.21 2.57
C2 TAR E . -11.17 -6.22 1.98
O2 TAR E . -12.46 -6.11 2.55
C3 TAR E . -11.26 -6.04 0.48
O3 TAR E . -12.40 -5.29 0.14
C4 TAR E . -11.33 -7.40 -0.17
O4 TAR E . -10.36 -8.21 -0.04
O41 TAR E . -12.36 -7.73 -0.81
#